data_8ET8
#
_entry.id   8ET8
#
_cell.length_a   1.00
_cell.length_b   1.00
_cell.length_c   1.00
_cell.angle_alpha   90.00
_cell.angle_beta   90.00
_cell.angle_gamma   90.00
#
_symmetry.space_group_name_H-M   'P 1'
#
loop_
_entity.id
_entity.type
_entity.pdbx_description
1 polymer OCT1
2 branched 2-acetamido-2-deoxy-beta-D-glucopyranose-(1-4)-2-acetamido-2-deoxy-beta-D-glucopyranose
3 non-polymer (2S)-2-(3,4-dimethoxyphenyl)-5-{[2-(3,4-dimethoxyphenyl)ethyl](methyl)amino}-2-(propan-2-yl)pentanenitrile
#
_entity_poly.entity_id   1
_entity_poly.type   'polypeptide(L)'
_entity_poly.pdbx_seq_one_letter_code
;MPTVDDVLEQVGEFGWFQKQAFLTLCLLSAAFAPIYVGIVFLGFTPDHRCRSPGVAELSQRCGWSLAEELNYTVPGLGAA
GEAFPRQCRRYEVDWNQSALSCVDPLASLAANRSHLPLGPCQHGWVYDTPGSSIVTEFNLVCADSWKVDLFQSCVNVGFF
LGSLGVGYIADRFGRKLCLLATTLISAVSGVLMAVAPDYTSMLLFRLLQGLVSKGSWMSGYTLITEFVGSGYRRTVAILY
QMAFTVGLVLLSGVAYAIPHWRWLQLAVSLPTFLFLLYYWCVPESPRWLLSQKRNTQAIKIMDHIAQKNGKLPPADLKML
SLKEDSTEKLSPSFADLFRTPQLRKHTFILMYLWFTSSVLYQGLIMHMGATGGNLYLDFFYSALVEFPAAFIILVTIDRV
GRIYPLAVSNLVAGAACLIMIFISQDLHWLNITVACVGRMGITIVFQMVCLVNAELYPTFIRNLGVMVCSSLCDLGGIIT
PFLVFRLMEVWQGLPLILFTVVGLVAGGMTLLLPETKGVALPETIEDAENLGRKAKPKENTIYLQVQTSELPGT
;
_entity_poly.pdbx_strand_id   A
#
# COMPACT_ATOMS: atom_id res chain seq x y z
N PRO A 2 35.10 19.98 -6.80
CA PRO A 2 34.98 18.53 -6.89
C PRO A 2 33.87 17.97 -6.00
N THR A 3 32.70 18.61 -6.04
CA THR A 3 31.56 18.17 -5.26
C THR A 3 30.79 17.08 -6.01
N VAL A 4 30.04 16.29 -5.24
CA VAL A 4 29.34 15.14 -5.82
C VAL A 4 28.36 15.58 -6.90
N ASP A 5 27.82 16.80 -6.79
CA ASP A 5 26.83 17.25 -7.76
C ASP A 5 27.47 17.58 -9.10
N ASP A 6 28.47 18.45 -9.11
CA ASP A 6 29.09 18.86 -10.37
C ASP A 6 29.73 17.67 -11.07
N VAL A 7 30.47 16.83 -10.34
CA VAL A 7 31.16 15.71 -10.97
C VAL A 7 30.15 14.74 -11.56
N LEU A 8 29.02 14.54 -10.89
CA LEU A 8 27.97 13.68 -11.43
C LEU A 8 27.41 14.25 -12.72
N GLU A 9 27.24 15.58 -12.79
CA GLU A 9 26.77 16.20 -14.01
C GLU A 9 27.77 16.00 -15.15
N GLN A 10 29.06 16.11 -14.85
CA GLN A 10 30.07 15.98 -15.88
C GLN A 10 29.98 14.62 -16.57
N VAL A 11 29.92 13.54 -15.79
CA VAL A 11 29.74 12.22 -16.37
C VAL A 11 28.34 12.10 -16.98
N GLY A 12 27.35 12.74 -16.38
CA GLY A 12 26.00 12.71 -16.88
C GLY A 12 24.97 12.49 -15.79
N GLU A 13 24.01 13.40 -15.68
CA GLU A 13 23.00 13.30 -14.63
C GLU A 13 22.12 12.07 -14.83
N PHE A 14 21.62 11.87 -16.04
CA PHE A 14 20.72 10.76 -16.36
C PHE A 14 21.22 10.13 -17.66
N GLY A 15 22.16 9.19 -17.54
CA GLY A 15 22.71 8.49 -18.66
C GLY A 15 22.24 7.05 -18.74
N TRP A 16 22.97 6.24 -19.50
CA TRP A 16 22.58 4.85 -19.65
C TRP A 16 22.67 4.11 -18.32
N PHE A 17 23.69 4.41 -17.52
CA PHE A 17 23.80 3.80 -16.20
C PHE A 17 22.57 4.11 -15.36
N GLN A 18 22.18 5.39 -15.32
CA GLN A 18 20.98 5.76 -14.56
C GLN A 18 19.76 5.05 -15.11
N LYS A 19 19.64 4.97 -16.44
CA LYS A 19 18.47 4.32 -17.03
C LYS A 19 18.40 2.85 -16.65
N GLN A 20 19.52 2.14 -16.74
CA GLN A 20 19.53 0.73 -16.40
C GLN A 20 19.21 0.51 -14.93
N ALA A 21 19.81 1.33 -14.06
CA ALA A 21 19.53 1.20 -12.63
C ALA A 21 18.07 1.48 -12.34
N PHE A 22 17.50 2.50 -12.99
CA PHE A 22 16.09 2.82 -12.76
C PHE A 22 15.19 1.68 -13.22
N LEU A 23 15.51 1.08 -14.36
CA LEU A 23 14.72 -0.06 -14.84
C LEU A 23 14.80 -1.23 -13.87
N THR A 24 16.01 -1.54 -13.39
CA THR A 24 16.17 -2.64 -12.45
C THR A 24 15.41 -2.39 -11.15
N LEU A 25 15.40 -1.14 -10.68
CA LEU A 25 14.68 -0.83 -9.45
C LEU A 25 13.17 -0.86 -9.68
N CYS A 26 12.69 -0.37 -10.83
CA CYS A 26 11.27 -0.48 -11.13
C CYS A 26 10.83 -1.93 -11.15
N LEU A 27 11.72 -2.83 -11.57
CA LEU A 27 11.40 -4.26 -11.45
C LEU A 27 11.09 -4.61 -10.01
N LEU A 28 11.75 -3.95 -9.05
CA LEU A 28 11.47 -4.18 -7.64
C LEU A 28 10.22 -3.44 -7.18
N SER A 29 9.85 -2.35 -7.84
CA SER A 29 8.72 -1.56 -7.36
C SER A 29 7.45 -2.38 -7.35
N ALA A 30 7.22 -3.18 -8.40
CA ALA A 30 5.99 -3.97 -8.48
C ALA A 30 5.90 -4.98 -7.35
N ALA A 31 7.04 -5.53 -6.91
CA ALA A 31 7.00 -6.56 -5.89
C ALA A 31 6.38 -6.08 -4.58
N PHE A 32 6.31 -4.77 -4.38
CA PHE A 32 5.68 -4.24 -3.17
C PHE A 32 4.17 -4.14 -3.30
N ALA A 33 3.63 -4.21 -4.53
CA ALA A 33 2.19 -4.12 -4.69
C ALA A 33 1.46 -5.26 -4.00
N PRO A 34 1.85 -6.53 -4.16
CA PRO A 34 1.13 -7.60 -3.46
C PRO A 34 1.11 -7.47 -1.95
N ILE A 35 2.20 -6.99 -1.34
CA ILE A 35 2.23 -6.89 0.11
C ILE A 35 1.36 -5.74 0.59
N TYR A 36 1.39 -4.61 -0.14
CA TYR A 36 0.64 -3.43 0.30
C TYR A 36 -0.85 -3.56 0.04
N VAL A 37 -1.24 -4.24 -1.05
CA VAL A 37 -2.66 -4.33 -1.37
C VAL A 37 -3.43 -4.95 -0.21
N GLY A 38 -2.76 -5.78 0.58
CA GLY A 38 -3.37 -6.32 1.79
C GLY A 38 -3.93 -7.70 1.59
N ILE A 39 -5.15 -7.92 2.08
CA ILE A 39 -5.83 -9.20 1.98
C ILE A 39 -7.00 -9.11 1.01
N VAL A 40 -7.00 -8.13 0.10
CA VAL A 40 -8.14 -7.94 -0.79
C VAL A 40 -8.27 -9.10 -1.76
N PHE A 41 -7.16 -9.72 -2.15
CA PHE A 41 -7.19 -10.84 -3.09
C PHE A 41 -6.98 -12.19 -2.44
N LEU A 42 -6.57 -12.23 -1.17
CA LEU A 42 -6.43 -13.49 -0.45
C LEU A 42 -7.58 -13.76 0.50
N GLY A 43 -8.39 -12.75 0.83
CA GLY A 43 -9.43 -12.91 1.82
C GLY A 43 -10.78 -12.38 1.41
N PHE A 44 -11.11 -12.46 0.12
CA PHE A 44 -12.45 -12.09 -0.32
C PHE A 44 -13.44 -13.14 0.17
N THR A 45 -14.56 -12.68 0.72
CA THR A 45 -15.54 -13.56 1.31
C THR A 45 -16.69 -13.77 0.34
N PRO A 46 -16.87 -14.95 -0.25
CA PRO A 46 -18.00 -15.16 -1.16
C PRO A 46 -19.29 -15.50 -0.43
N ASP A 47 -20.36 -15.78 -1.17
CA ASP A 47 -21.60 -16.22 -0.55
C ASP A 47 -21.43 -17.63 0.01
N HIS A 48 -22.14 -17.92 1.09
CA HIS A 48 -21.91 -19.15 1.84
C HIS A 48 -23.17 -19.56 2.58
N ARG A 49 -23.43 -20.87 2.61
CA ARG A 49 -24.52 -21.44 3.39
C ARG A 49 -24.01 -22.70 4.09
N CYS A 50 -24.82 -23.21 5.01
CA CYS A 50 -24.45 -24.41 5.76
C CYS A 50 -24.65 -25.65 4.89
N ARG A 51 -23.60 -26.45 4.76
CA ARG A 51 -23.69 -27.70 4.03
C ARG A 51 -24.67 -28.65 4.71
N SER A 52 -25.40 -29.40 3.89
CA SER A 52 -26.31 -30.43 4.39
C SER A 52 -26.12 -31.72 3.60
N PRO A 53 -26.03 -32.87 4.28
CA PRO A 53 -25.86 -34.12 3.52
C PRO A 53 -27.09 -34.51 2.72
N GLY A 54 -28.29 -34.28 3.26
CA GLY A 54 -29.49 -34.74 2.59
C GLY A 54 -29.77 -34.02 1.28
N VAL A 55 -29.33 -32.77 1.17
CA VAL A 55 -29.60 -31.99 -0.04
C VAL A 55 -28.92 -32.62 -1.25
N ALA A 56 -27.75 -33.23 -1.07
CA ALA A 56 -27.03 -33.81 -2.19
C ALA A 56 -27.84 -34.89 -2.88
N GLU A 57 -28.51 -35.74 -2.10
CA GLU A 57 -29.31 -36.82 -2.69
C GLU A 57 -30.46 -36.24 -3.51
N LEU A 58 -31.17 -35.24 -2.96
CA LEU A 58 -32.29 -34.66 -3.66
C LEU A 58 -31.85 -33.83 -4.87
N SER A 59 -30.62 -33.32 -4.85
CA SER A 59 -30.18 -32.46 -5.94
C SER A 59 -30.28 -33.15 -7.29
N GLN A 60 -30.11 -34.47 -7.32
CA GLN A 60 -30.10 -35.21 -8.58
C GLN A 60 -31.46 -35.80 -8.96
N ARG A 61 -32.35 -36.04 -7.98
CA ARG A 61 -33.58 -36.76 -8.27
C ARG A 61 -34.46 -35.99 -9.25
N CYS A 62 -34.59 -34.67 -9.07
CA CYS A 62 -35.43 -33.84 -9.92
C CYS A 62 -34.62 -32.68 -10.46
N GLY A 63 -35.16 -32.03 -11.49
CA GLY A 63 -34.53 -30.87 -12.08
C GLY A 63 -34.25 -29.78 -11.06
N TRP A 64 -33.05 -29.22 -11.08
CA TRP A 64 -32.65 -28.22 -10.11
C TRP A 64 -31.91 -27.08 -10.78
N SER A 65 -31.96 -25.91 -10.13
CA SER A 65 -31.19 -24.75 -10.54
C SER A 65 -30.54 -24.15 -9.30
N LEU A 66 -29.39 -23.50 -9.51
CA LEU A 66 -28.66 -22.94 -8.38
C LEU A 66 -29.50 -21.89 -7.65
N ALA A 67 -30.17 -21.02 -8.41
CA ALA A 67 -31.03 -20.02 -7.78
C ALA A 67 -32.20 -20.68 -7.05
N GLU A 68 -32.80 -21.70 -7.65
CA GLU A 68 -33.93 -22.37 -7.02
C GLU A 68 -33.52 -23.03 -5.72
N GLU A 69 -32.35 -23.68 -5.70
CA GLU A 69 -31.91 -24.38 -4.50
C GLU A 69 -31.75 -23.41 -3.33
N LEU A 70 -31.14 -22.25 -3.58
CA LEU A 70 -30.93 -21.27 -2.52
C LEU A 70 -32.24 -20.78 -1.94
N ASN A 71 -33.32 -20.85 -2.72
CA ASN A 71 -34.58 -20.20 -2.37
C ASN A 71 -35.38 -21.00 -1.34
N TYR A 72 -35.71 -22.26 -1.64
CA TYR A 72 -36.58 -23.03 -0.75
C TYR A 72 -35.88 -24.17 -0.04
N THR A 73 -34.55 -24.28 -0.17
CA THR A 73 -33.78 -25.22 0.63
C THR A 73 -33.07 -24.54 1.81
N VAL A 74 -32.80 -23.24 1.71
CA VAL A 74 -32.05 -22.51 2.74
C VAL A 74 -33.01 -21.65 3.55
N PRO A 75 -32.74 -21.40 4.84
CA PRO A 75 -33.59 -20.49 5.60
C PRO A 75 -33.65 -19.11 4.97
N GLY A 76 -34.82 -18.49 5.06
CA GLY A 76 -34.98 -17.18 4.48
C GLY A 76 -34.20 -16.12 5.23
N LEU A 77 -33.84 -15.06 4.52
CA LEU A 77 -33.09 -13.94 5.07
C LEU A 77 -34.02 -12.81 5.46
N GLY A 78 -33.47 -11.85 6.19
CA GLY A 78 -34.23 -10.69 6.64
C GLY A 78 -34.92 -10.82 7.97
N ALA A 79 -34.75 -11.95 8.65
CA ALA A 79 -35.33 -12.18 9.97
C ALA A 79 -34.24 -12.12 11.03
N ALA A 80 -34.51 -11.36 12.10
CA ALA A 80 -33.54 -11.16 13.17
C ALA A 80 -32.16 -10.86 12.60
N GLY A 81 -32.12 -9.89 11.68
CA GLY A 81 -30.90 -9.55 10.99
C GLY A 81 -31.08 -9.55 9.48
N GLU A 82 -30.23 -8.83 8.76
CA GLU A 82 -30.37 -8.74 7.31
C GLU A 82 -30.16 -10.11 6.66
N ALA A 83 -29.06 -10.78 7.00
CA ALA A 83 -28.78 -12.09 6.42
C ALA A 83 -28.13 -13.06 7.41
N PHE A 84 -28.23 -12.80 8.72
CA PHE A 84 -27.62 -13.70 9.68
C PHE A 84 -28.18 -15.12 9.58
N PRO A 85 -29.49 -15.34 9.53
CA PRO A 85 -29.98 -16.73 9.49
C PRO A 85 -29.56 -17.46 8.23
N ARG A 86 -29.77 -16.85 7.06
CA ARG A 86 -29.49 -17.55 5.80
C ARG A 86 -28.01 -17.89 5.68
N GLN A 87 -27.14 -17.01 6.15
CA GLN A 87 -25.70 -17.20 5.94
C GLN A 87 -25.19 -18.45 6.64
N CYS A 88 -25.47 -18.60 7.93
CA CYS A 88 -24.88 -19.69 8.70
C CYS A 88 -25.86 -20.32 9.70
N ARG A 89 -27.10 -20.56 9.27
CA ARG A 89 -28.03 -21.35 10.06
C ARG A 89 -28.61 -22.48 9.21
N ARG A 90 -28.75 -23.65 9.82
CA ARG A 90 -29.23 -24.85 9.13
C ARG A 90 -30.44 -25.39 9.87
N TYR A 91 -31.54 -25.61 9.13
CA TYR A 91 -32.74 -26.15 9.74
C TYR A 91 -32.50 -27.55 10.31
N GLU A 92 -31.74 -28.37 9.59
CA GLU A 92 -31.42 -29.74 10.00
C GLU A 92 -32.61 -30.68 9.86
N VAL A 93 -33.61 -30.30 9.07
CA VAL A 93 -34.72 -31.20 8.77
C VAL A 93 -34.25 -32.29 7.83
N ASP A 94 -34.58 -33.53 8.15
CA ASP A 94 -34.09 -34.67 7.37
C ASP A 94 -34.51 -34.57 5.92
N TRP A 95 -33.56 -34.32 5.02
CA TRP A 95 -33.83 -34.29 3.60
C TRP A 95 -33.58 -35.64 2.92
N ASN A 96 -33.06 -36.61 3.67
CA ASN A 96 -32.76 -37.94 3.15
C ASN A 96 -33.81 -38.93 3.63
N GLN A 97 -34.14 -39.89 2.77
CA GLN A 97 -35.18 -40.88 3.08
C GLN A 97 -36.51 -40.20 3.36
N SER A 98 -36.77 -39.09 2.65
CA SER A 98 -38.02 -38.34 2.77
C SER A 98 -38.39 -37.87 1.36
N ALA A 99 -39.21 -38.66 0.67
CA ALA A 99 -39.61 -38.36 -0.70
C ALA A 99 -40.87 -37.51 -0.66
N LEU A 100 -40.68 -36.20 -0.50
CA LEU A 100 -41.77 -35.25 -0.46
C LEU A 100 -41.96 -34.52 -1.78
N SER A 101 -41.36 -35.02 -2.87
CA SER A 101 -41.53 -34.44 -4.19
C SER A 101 -40.76 -33.14 -4.32
N CYS A 102 -40.35 -32.80 -5.55
CA CYS A 102 -39.64 -31.55 -5.78
C CYS A 102 -40.52 -30.35 -5.47
N VAL A 103 -41.83 -30.47 -5.72
CA VAL A 103 -42.73 -29.33 -5.56
C VAL A 103 -42.83 -28.89 -4.10
N ASP A 104 -42.94 -29.85 -3.18
CA ASP A 104 -43.15 -29.57 -1.76
C ASP A 104 -42.13 -30.33 -0.93
N PRO A 105 -40.87 -29.92 -0.96
CA PRO A 105 -39.84 -30.62 -0.18
C PRO A 105 -40.00 -30.45 1.33
N LEU A 106 -40.20 -29.22 1.79
CA LEU A 106 -40.26 -28.92 3.21
C LEU A 106 -41.50 -28.15 3.63
N ALA A 107 -42.33 -27.69 2.68
CA ALA A 107 -43.47 -26.84 3.03
C ALA A 107 -44.46 -27.57 3.93
N SER A 108 -44.73 -28.85 3.64
CA SER A 108 -45.80 -29.57 4.32
C SER A 108 -45.52 -29.73 5.81
N LEU A 109 -44.26 -29.97 6.18
CA LEU A 109 -43.97 -30.37 7.55
C LEU A 109 -44.39 -29.32 8.56
N ALA A 110 -43.98 -28.06 8.35
CA ALA A 110 -44.17 -27.02 9.35
C ALA A 110 -45.26 -26.02 9.01
N ALA A 111 -45.63 -25.89 7.73
CA ALA A 111 -46.59 -24.88 7.28
C ALA A 111 -46.10 -23.46 7.58
N ASN A 112 -44.82 -23.31 7.85
CA ASN A 112 -44.20 -22.02 8.14
C ASN A 112 -42.70 -22.24 8.20
N ARG A 113 -41.94 -21.20 7.84
CA ARG A 113 -40.50 -21.29 7.71
C ARG A 113 -39.78 -20.90 9.00
N SER A 114 -40.07 -19.70 9.52
CA SER A 114 -39.35 -19.21 10.69
C SER A 114 -39.55 -20.14 11.89
N HIS A 115 -40.77 -20.65 12.08
CA HIS A 115 -41.07 -21.48 13.24
C HIS A 115 -40.34 -22.82 13.20
N LEU A 116 -39.74 -23.18 12.06
CA LEU A 116 -39.04 -24.44 11.96
C LEU A 116 -37.87 -24.50 12.94
N PRO A 117 -37.33 -25.70 13.20
CA PRO A 117 -36.20 -25.82 14.13
C PRO A 117 -34.87 -25.50 13.49
N LEU A 118 -34.07 -24.64 14.14
CA LEU A 118 -32.77 -24.24 13.64
C LEU A 118 -31.68 -24.98 14.42
N GLY A 119 -30.89 -25.79 13.72
CA GLY A 119 -29.82 -26.52 14.34
C GLY A 119 -28.46 -25.88 14.11
N PRO A 120 -27.40 -26.54 14.55
CA PRO A 120 -26.06 -26.01 14.37
C PRO A 120 -25.61 -26.08 12.90
N CYS A 121 -24.68 -25.21 12.56
CA CYS A 121 -24.15 -25.11 11.20
C CYS A 121 -22.89 -25.96 11.06
N GLN A 122 -23.07 -27.26 11.25
CA GLN A 122 -21.97 -28.21 11.16
C GLN A 122 -21.73 -28.58 9.70
N HIS A 123 -20.93 -29.62 9.47
CA HIS A 123 -20.57 -30.06 8.12
C HIS A 123 -19.89 -28.94 7.33
N GLY A 124 -19.14 -28.08 8.01
CA GLY A 124 -18.43 -27.02 7.34
C GLY A 124 -19.37 -26.06 6.62
N TRP A 125 -18.99 -25.69 5.40
CA TRP A 125 -19.75 -24.73 4.61
C TRP A 125 -19.60 -25.07 3.13
N VAL A 126 -20.52 -24.52 2.34
CA VAL A 126 -20.43 -24.58 0.88
C VAL A 126 -20.37 -23.15 0.36
N TYR A 127 -19.35 -22.84 -0.42
CA TYR A 127 -19.11 -21.50 -0.91
C TYR A 127 -19.46 -21.41 -2.39
N ASP A 128 -19.65 -20.18 -2.86
CA ASP A 128 -20.10 -19.95 -4.22
C ASP A 128 -18.94 -20.02 -5.21
N THR A 129 -17.92 -19.20 -5.00
CA THR A 129 -16.85 -19.07 -5.99
C THR A 129 -16.16 -20.41 -6.24
N PRO A 130 -15.80 -20.72 -7.48
CA PRO A 130 -15.03 -21.95 -7.73
C PRO A 130 -13.63 -21.92 -7.15
N GLY A 131 -13.01 -20.75 -7.05
CA GLY A 131 -11.71 -20.63 -6.44
C GLY A 131 -11.77 -20.70 -4.94
N SER A 132 -10.58 -20.80 -4.33
CA SER A 132 -10.46 -20.87 -2.88
C SER A 132 -9.69 -19.67 -2.37
N SER A 133 -10.17 -19.09 -1.29
CA SER A 133 -9.53 -17.99 -0.60
C SER A 133 -9.14 -18.44 0.79
N ILE A 134 -8.49 -17.53 1.54
CA ILE A 134 -8.11 -17.89 2.90
C ILE A 134 -9.35 -18.12 3.74
N VAL A 135 -10.41 -17.34 3.51
CA VAL A 135 -11.64 -17.53 4.26
C VAL A 135 -12.19 -18.93 4.04
N THR A 136 -12.17 -19.40 2.79
CA THR A 136 -12.64 -20.74 2.50
C THR A 136 -11.73 -21.81 3.07
N GLU A 137 -10.43 -21.53 3.16
CA GLU A 137 -9.48 -22.52 3.66
C GLU A 137 -9.80 -22.92 5.09
N PHE A 138 -9.94 -21.93 5.98
CA PHE A 138 -10.09 -22.17 7.41
C PHE A 138 -11.50 -21.92 7.92
N ASN A 139 -12.47 -21.82 7.02
CA ASN A 139 -13.88 -21.68 7.41
C ASN A 139 -14.06 -20.52 8.38
N LEU A 140 -13.39 -19.41 8.09
CA LEU A 140 -13.49 -18.20 8.91
C LEU A 140 -14.69 -17.36 8.45
N VAL A 141 -15.88 -17.93 8.60
CA VAL A 141 -17.09 -17.40 7.98
C VAL A 141 -18.02 -16.77 9.03
N CYS A 142 -18.49 -17.54 9.99
CA CYS A 142 -19.57 -17.11 10.88
C CYS A 142 -19.12 -16.98 12.32
N ALA A 143 -18.69 -18.07 12.94
CA ALA A 143 -18.27 -18.00 14.35
C ALA A 143 -16.92 -17.29 14.47
N ASP A 144 -15.99 -17.57 13.57
CA ASP A 144 -14.67 -16.97 13.56
C ASP A 144 -14.58 -15.77 12.63
N SER A 145 -15.71 -15.15 12.31
CA SER A 145 -15.71 -14.05 11.35
C SER A 145 -14.75 -12.95 11.77
N TRP A 146 -14.63 -12.71 13.08
CA TRP A 146 -13.75 -11.66 13.56
C TRP A 146 -12.29 -11.93 13.23
N LYS A 147 -11.92 -13.19 12.99
CA LYS A 147 -10.50 -13.50 12.79
C LYS A 147 -9.92 -12.79 11.58
N VAL A 148 -10.74 -12.48 10.58
CA VAL A 148 -10.23 -11.74 9.42
C VAL A 148 -9.80 -10.34 9.84
N ASP A 149 -10.61 -9.68 10.68
CA ASP A 149 -10.23 -8.37 11.18
C ASP A 149 -8.96 -8.46 12.01
N LEU A 150 -8.81 -9.52 12.80
CA LEU A 150 -7.59 -9.70 13.58
C LEU A 150 -6.38 -9.84 12.65
N PHE A 151 -6.51 -10.62 11.58
CA PHE A 151 -5.42 -10.77 10.64
C PHE A 151 -5.04 -9.43 10.02
N GLN A 152 -6.04 -8.68 9.56
CA GLN A 152 -5.75 -7.39 8.93
C GLN A 152 -5.09 -6.43 9.91
N SER A 153 -5.59 -6.36 11.14
CA SER A 153 -5.02 -5.45 12.13
C SER A 153 -3.61 -5.87 12.51
N CYS A 154 -3.34 -7.17 12.61
CA CYS A 154 -1.98 -7.62 12.90
C CYS A 154 -1.04 -7.24 11.76
N VAL A 155 -1.47 -7.41 10.51
CA VAL A 155 -0.62 -6.99 9.40
C VAL A 155 -0.36 -5.50 9.46
N ASN A 156 -1.40 -4.70 9.77
CA ASN A 156 -1.21 -3.26 9.82
C ASN A 156 -0.26 -2.85 10.93
N VAL A 157 -0.37 -3.46 12.12
CA VAL A 157 0.54 -3.11 13.19
C VAL A 157 1.95 -3.56 12.85
N GLY A 158 2.10 -4.67 12.15
CA GLY A 158 3.41 -5.02 11.63
C GLY A 158 3.96 -3.95 10.70
N PHE A 159 3.11 -3.42 9.81
CA PHE A 159 3.54 -2.32 8.96
C PHE A 159 4.01 -1.13 9.78
N PHE A 160 3.27 -0.79 10.82
CA PHE A 160 3.63 0.35 11.66
C PHE A 160 4.98 0.13 12.33
N LEU A 161 5.19 -1.06 12.91
CA LEU A 161 6.47 -1.35 13.55
C LEU A 161 7.61 -1.34 12.54
N GLY A 162 7.38 -1.91 11.36
CA GLY A 162 8.41 -1.89 10.32
C GLY A 162 8.77 -0.48 9.90
N SER A 163 7.77 0.38 9.76
CA SER A 163 8.04 1.78 9.46
C SER A 163 8.89 2.40 10.56
N LEU A 164 8.55 2.14 11.82
CA LEU A 164 9.30 2.75 12.92
C LEU A 164 10.75 2.28 12.94
N GLY A 165 10.99 1.00 12.68
CA GLY A 165 12.29 0.43 12.97
C GLY A 165 13.19 0.12 11.78
N VAL A 166 12.61 -0.25 10.64
CA VAL A 166 13.43 -0.75 9.53
C VAL A 166 14.30 0.33 8.91
N GLY A 167 14.08 1.59 9.26
CA GLY A 167 14.86 2.67 8.68
C GLY A 167 16.29 2.71 9.18
N TYR A 168 16.48 2.44 10.48
CA TYR A 168 17.80 2.60 11.07
C TYR A 168 18.82 1.65 10.46
N ILE A 169 18.42 0.39 10.27
CA ILE A 169 19.36 -0.58 9.71
C ILE A 169 19.71 -0.20 8.27
N ALA A 170 18.72 0.28 7.51
CA ALA A 170 18.98 0.71 6.14
C ALA A 170 19.93 1.89 6.10
N ASP A 171 19.74 2.84 7.01
CA ASP A 171 20.55 4.06 7.01
C ASP A 171 21.96 3.80 7.52
N ARG A 172 22.08 3.03 8.60
CA ARG A 172 23.39 2.85 9.23
C ARG A 172 24.28 1.92 8.41
N PHE A 173 23.75 0.82 7.90
CA PHE A 173 24.55 -0.20 7.25
C PHE A 173 24.50 -0.12 5.73
N GLY A 174 23.95 0.95 5.17
CA GLY A 174 23.94 1.14 3.74
C GLY A 174 22.59 0.80 3.13
N ARG A 175 22.37 1.32 1.92
CA ARG A 175 21.10 1.14 1.22
C ARG A 175 21.07 -0.11 0.37
N LYS A 176 22.21 -0.55 -0.16
CA LYS A 176 22.21 -1.79 -0.94
C LYS A 176 22.12 -3.01 -0.03
N LEU A 177 22.81 -2.99 1.11
CA LEU A 177 22.72 -4.12 2.03
C LEU A 177 21.30 -4.32 2.52
N CYS A 178 20.62 -3.24 2.89
CA CYS A 178 19.23 -3.36 3.32
C CYS A 178 18.33 -3.84 2.20
N LEU A 179 18.49 -3.27 0.99
CA LEU A 179 17.64 -3.68 -0.12
C LEU A 179 17.82 -5.15 -0.45
N LEU A 180 18.98 -5.72 -0.10
CA LEU A 180 19.24 -7.13 -0.35
C LEU A 180 18.64 -8.00 0.75
N ALA A 181 19.00 -7.73 2.01
CA ALA A 181 18.50 -8.55 3.10
C ALA A 181 16.98 -8.43 3.24
N THR A 182 16.44 -7.22 3.12
CA THR A 182 15.01 -7.04 3.28
C THR A 182 14.23 -7.78 2.21
N THR A 183 14.63 -7.60 0.93
CA THR A 183 13.92 -8.29 -0.13
C THR A 183 14.12 -9.79 -0.04
N LEU A 184 15.29 -10.24 0.42
CA LEU A 184 15.50 -11.68 0.59
C LEU A 184 14.57 -12.25 1.64
N ILE A 185 14.43 -11.57 2.78
CA ILE A 185 13.51 -12.03 3.81
C ILE A 185 12.09 -12.03 3.29
N SER A 186 11.70 -10.96 2.58
CA SER A 186 10.35 -10.91 2.03
C SER A 186 10.09 -12.07 1.08
N ALA A 187 11.06 -12.37 0.20
CA ALA A 187 10.88 -13.47 -0.73
C ALA A 187 10.80 -14.81 -0.02
N VAL A 188 11.67 -15.03 0.97
CA VAL A 188 11.69 -16.33 1.62
C VAL A 188 10.48 -16.53 2.51
N SER A 189 9.88 -15.44 3.00
CA SER A 189 8.62 -15.57 3.73
C SER A 189 7.45 -15.77 2.78
N GLY A 190 7.46 -15.08 1.64
CA GLY A 190 6.33 -15.17 0.73
C GLY A 190 6.10 -16.58 0.22
N VAL A 191 7.17 -17.24 -0.22
CA VAL A 191 7.03 -18.62 -0.66
C VAL A 191 6.71 -19.54 0.51
N LEU A 192 7.09 -19.13 1.72
CA LEU A 192 6.84 -19.96 2.90
C LEU A 192 5.39 -19.88 3.35
N MET A 193 4.72 -18.76 3.11
CA MET A 193 3.33 -18.62 3.56
C MET A 193 2.43 -19.60 2.85
N ALA A 194 2.67 -19.84 1.56
CA ALA A 194 1.84 -20.77 0.81
C ALA A 194 1.89 -22.19 1.37
N VAL A 195 2.93 -22.52 2.13
CA VAL A 195 3.08 -23.85 2.70
C VAL A 195 2.77 -23.77 4.19
N ALA A 196 2.04 -22.74 4.60
CA ALA A 196 1.70 -22.57 6.00
C ALA A 196 0.54 -23.49 6.36
N PRO A 197 0.72 -24.45 7.27
CA PRO A 197 -0.33 -25.43 7.52
C PRO A 197 -1.57 -24.86 8.19
N ASP A 198 -1.38 -24.06 9.23
CA ASP A 198 -2.47 -23.60 10.08
C ASP A 198 -2.66 -22.10 9.96
N TYR A 199 -3.61 -21.57 10.73
CA TYR A 199 -3.91 -20.15 10.70
C TYR A 199 -2.80 -19.31 11.32
N THR A 200 -2.14 -19.82 12.36
CA THR A 200 -1.13 -19.02 13.06
C THR A 200 0.09 -18.79 12.17
N SER A 201 0.61 -19.85 11.56
CA SER A 201 1.84 -19.72 10.80
C SER A 201 1.66 -18.77 9.63
N MET A 202 0.53 -18.85 8.95
CA MET A 202 0.27 -17.93 7.84
C MET A 202 0.32 -16.49 8.32
N LEU A 203 -0.34 -16.20 9.44
CA LEU A 203 -0.36 -14.84 9.96
C LEU A 203 1.04 -14.39 10.35
N LEU A 204 1.84 -15.29 10.93
CA LEU A 204 3.18 -14.93 11.34
C LEU A 204 4.06 -14.58 10.14
N PHE A 205 4.00 -15.40 9.09
CA PHE A 205 4.80 -15.12 7.90
C PHE A 205 4.37 -13.82 7.26
N ARG A 206 3.06 -13.59 7.17
CA ARG A 206 2.59 -12.32 6.60
C ARG A 206 3.01 -11.14 7.44
N LEU A 207 3.01 -11.29 8.77
CA LEU A 207 3.47 -10.21 9.63
C LEU A 207 4.93 -9.88 9.37
N LEU A 208 5.77 -10.91 9.24
CA LEU A 208 7.18 -10.68 8.94
C LEU A 208 7.36 -9.97 7.59
N GLN A 209 6.63 -10.45 6.59
CA GLN A 209 6.73 -9.83 5.27
C GLN A 209 6.32 -8.37 5.32
N GLY A 210 5.28 -8.06 6.10
CA GLY A 210 4.90 -6.68 6.29
C GLY A 210 5.97 -5.86 6.98
N LEU A 211 6.62 -6.45 7.99
CA LEU A 211 7.70 -5.75 8.66
C LEU A 211 8.79 -5.33 7.67
N VAL A 212 9.10 -6.19 6.70
CA VAL A 212 10.28 -5.97 5.86
C VAL A 212 9.99 -5.26 4.54
N SER A 213 8.75 -5.34 4.02
CA SER A 213 8.49 -4.90 2.66
C SER A 213 8.72 -3.40 2.48
N LYS A 214 8.19 -2.58 3.38
CA LYS A 214 8.32 -1.13 3.18
C LYS A 214 9.77 -0.71 3.31
N GLY A 215 10.52 -1.35 4.20
CA GLY A 215 11.95 -1.06 4.26
C GLY A 215 12.62 -1.31 2.92
N SER A 216 12.33 -2.46 2.31
CA SER A 216 12.91 -2.75 0.99
C SER A 216 12.51 -1.69 -0.03
N TRP A 217 11.22 -1.38 -0.11
CA TRP A 217 10.75 -0.46 -1.14
C TRP A 217 11.36 0.91 -0.98
N MET A 218 11.40 1.43 0.25
CA MET A 218 11.94 2.76 0.45
C MET A 218 13.44 2.79 0.28
N SER A 219 14.15 1.72 0.62
CA SER A 219 15.58 1.67 0.34
C SER A 219 15.83 1.79 -1.16
N GLY A 220 15.05 1.06 -1.96
CA GLY A 220 15.18 1.22 -3.41
C GLY A 220 14.86 2.63 -3.88
N TYR A 221 13.78 3.20 -3.35
CA TYR A 221 13.39 4.55 -3.76
C TYR A 221 14.49 5.56 -3.47
N THR A 222 15.03 5.55 -2.24
CA THR A 222 16.07 6.51 -1.90
C THR A 222 17.35 6.23 -2.66
N LEU A 223 17.63 4.97 -2.97
CA LEU A 223 18.82 4.66 -3.77
C LEU A 223 18.71 5.29 -5.15
N ILE A 224 17.59 5.07 -5.84
CA ILE A 224 17.47 5.62 -7.18
C ILE A 224 17.43 7.15 -7.15
N THR A 225 16.76 7.73 -6.15
CA THR A 225 16.72 9.18 -6.04
C THR A 225 18.13 9.75 -5.83
N GLU A 226 18.96 9.08 -5.02
CA GLU A 226 20.33 9.55 -4.86
C GLU A 226 21.12 9.40 -6.14
N PHE A 227 20.92 8.31 -6.88
CA PHE A 227 21.69 8.11 -8.09
C PHE A 227 21.37 9.17 -9.14
N VAL A 228 20.09 9.50 -9.32
CA VAL A 228 19.71 10.43 -10.38
C VAL A 228 20.16 11.84 -10.02
N GLY A 229 20.47 12.63 -11.04
CA GLY A 229 20.91 14.00 -10.82
C GLY A 229 19.83 14.87 -10.23
N SER A 230 20.24 16.07 -9.81
CA SER A 230 19.33 16.97 -9.11
C SER A 230 18.15 17.36 -10.00
N GLY A 231 18.42 17.67 -11.27
CA GLY A 231 17.35 18.11 -12.15
C GLY A 231 16.30 17.05 -12.42
N TYR A 232 16.70 15.79 -12.44
CA TYR A 232 15.84 14.70 -12.89
C TYR A 232 15.24 13.91 -11.73
N ARG A 233 15.26 14.44 -10.51
CA ARG A 233 14.64 13.72 -9.40
C ARG A 233 13.16 13.50 -9.67
N ARG A 234 12.49 14.51 -10.21
CA ARG A 234 11.06 14.41 -10.49
C ARG A 234 10.75 13.22 -11.38
N THR A 235 11.45 13.10 -12.50
CA THR A 235 11.14 12.03 -13.45
C THR A 235 11.33 10.67 -12.82
N VAL A 236 12.45 10.48 -12.11
CA VAL A 236 12.74 9.18 -11.52
C VAL A 236 11.70 8.83 -10.47
N ALA A 237 11.39 9.76 -9.59
CA ALA A 237 10.43 9.47 -8.52
C ALA A 237 9.04 9.17 -9.09
N ILE A 238 8.57 10.00 -10.03
CA ILE A 238 7.24 9.81 -10.58
C ILE A 238 7.17 8.50 -11.36
N LEU A 239 8.24 8.16 -12.08
CA LEU A 239 8.23 6.90 -12.82
C LEU A 239 8.32 5.71 -11.87
N TYR A 240 8.98 5.85 -10.73
CA TYR A 240 8.97 4.78 -9.73
C TYR A 240 7.55 4.54 -9.22
N GLN A 241 6.83 5.62 -8.91
CA GLN A 241 5.44 5.46 -8.49
C GLN A 241 4.60 4.86 -9.60
N MET A 242 4.83 5.28 -10.84
CA MET A 242 4.08 4.72 -11.97
C MET A 242 4.39 3.24 -12.14
N ALA A 243 5.63 2.84 -11.88
CA ALA A 243 5.98 1.42 -11.92
C ALA A 243 5.23 0.66 -10.84
N PHE A 244 5.10 1.24 -9.65
CA PHE A 244 4.29 0.58 -8.63
C PHE A 244 2.86 0.39 -9.11
N THR A 245 2.29 1.42 -9.74
CA THR A 245 0.91 1.31 -10.22
C THR A 245 0.79 0.24 -11.30
N VAL A 246 1.78 0.15 -12.19
CA VAL A 246 1.75 -0.88 -13.22
C VAL A 246 1.83 -2.26 -12.59
N GLY A 247 2.64 -2.40 -11.55
CA GLY A 247 2.67 -3.67 -10.82
C GLY A 247 1.33 -3.99 -10.18
N LEU A 248 0.63 -2.97 -9.69
CA LEU A 248 -0.69 -3.19 -9.12
C LEU A 248 -1.67 -3.68 -10.18
N VAL A 249 -1.65 -3.07 -11.37
CA VAL A 249 -2.55 -3.50 -12.44
C VAL A 249 -2.23 -4.94 -12.86
N LEU A 250 -0.95 -5.25 -13.02
CA LEU A 250 -0.57 -6.62 -13.35
C LEU A 250 -1.01 -7.58 -12.26
N LEU A 251 -0.96 -7.14 -11.00
CA LEU A 251 -1.45 -7.98 -9.91
C LEU A 251 -2.93 -8.26 -10.06
N SER A 252 -3.72 -7.24 -10.40
CA SER A 252 -5.15 -7.48 -10.59
C SER A 252 -5.38 -8.50 -11.69
N GLY A 253 -4.66 -8.34 -12.81
CA GLY A 253 -4.83 -9.28 -13.90
C GLY A 253 -4.48 -10.70 -13.51
N VAL A 254 -3.33 -10.89 -12.87
CA VAL A 254 -2.91 -12.24 -12.51
C VAL A 254 -3.82 -12.82 -11.45
N ALA A 255 -4.27 -12.00 -10.50
CA ALA A 255 -5.19 -12.48 -9.48
C ALA A 255 -6.48 -12.99 -10.10
N TYR A 256 -6.98 -12.30 -11.12
CA TYR A 256 -8.10 -12.87 -11.86
C TYR A 256 -7.67 -14.17 -12.55
N ALA A 257 -6.43 -14.26 -13.00
CA ALA A 257 -6.00 -15.44 -13.73
C ALA A 257 -6.12 -16.69 -12.86
N ILE A 258 -5.56 -16.66 -11.65
CA ILE A 258 -5.54 -17.82 -10.76
C ILE A 258 -6.18 -17.47 -9.43
N PRO A 259 -7.34 -18.02 -9.09
CA PRO A 259 -8.02 -17.60 -7.86
C PRO A 259 -7.44 -18.23 -6.60
N HIS A 260 -6.97 -19.47 -6.70
CA HIS A 260 -6.48 -20.18 -5.51
C HIS A 260 -5.43 -19.34 -4.80
N TRP A 261 -5.63 -19.11 -3.50
CA TRP A 261 -4.82 -18.12 -2.79
C TRP A 261 -3.38 -18.60 -2.63
N ARG A 262 -3.17 -19.91 -2.38
CA ARG A 262 -1.81 -20.41 -2.22
C ARG A 262 -1.02 -20.32 -3.52
N TRP A 263 -1.62 -20.72 -4.65
CA TRP A 263 -0.92 -20.60 -5.91
C TRP A 263 -0.64 -19.13 -6.22
N LEU A 264 -1.59 -18.25 -5.92
CA LEU A 264 -1.35 -16.83 -6.12
C LEU A 264 -0.16 -16.35 -5.33
N GLN A 265 -0.10 -16.73 -4.04
CA GLN A 265 1.00 -16.27 -3.19
C GLN A 265 2.33 -16.80 -3.69
N LEU A 266 2.37 -18.08 -4.07
CA LEU A 266 3.62 -18.67 -4.52
C LEU A 266 4.08 -18.04 -5.84
N ALA A 267 3.16 -17.82 -6.77
CA ALA A 267 3.51 -17.20 -8.04
C ALA A 267 3.97 -15.77 -7.85
N VAL A 268 3.38 -15.07 -6.88
CA VAL A 268 3.78 -13.68 -6.63
C VAL A 268 5.13 -13.63 -5.94
N SER A 269 5.41 -14.60 -5.05
CA SER A 269 6.62 -14.54 -4.24
C SER A 269 7.84 -15.04 -5.00
N LEU A 270 7.71 -16.14 -5.74
CA LEU A 270 8.89 -16.75 -6.37
C LEU A 270 9.64 -15.78 -7.27
N PRO A 271 8.99 -14.94 -8.08
CA PRO A 271 9.76 -14.04 -8.96
C PRO A 271 10.69 -13.09 -8.22
N THR A 272 10.46 -12.83 -6.93
CA THR A 272 11.34 -11.93 -6.21
C THR A 272 12.76 -12.47 -6.16
N PHE A 273 12.93 -13.79 -6.28
CA PHE A 273 14.28 -14.36 -6.33
C PHE A 273 15.01 -13.93 -7.58
N LEU A 274 14.30 -13.69 -8.69
CA LEU A 274 14.97 -13.16 -9.87
C LEU A 274 15.58 -11.80 -9.60
N PHE A 275 14.83 -10.90 -8.95
CA PHE A 275 15.40 -9.61 -8.59
C PHE A 275 16.55 -9.77 -7.62
N LEU A 276 16.41 -10.67 -6.64
CA LEU A 276 17.54 -10.96 -5.77
C LEU A 276 18.76 -11.38 -6.58
N LEU A 277 18.54 -12.08 -7.69
CA LEU A 277 19.64 -12.47 -8.58
C LEU A 277 20.19 -11.27 -9.32
N TYR A 278 19.36 -10.25 -9.57
CA TYR A 278 19.79 -9.04 -10.27
C TYR A 278 20.20 -7.92 -9.32
N TYR A 279 20.53 -8.25 -8.07
CA TYR A 279 21.16 -7.27 -7.20
C TYR A 279 22.54 -6.88 -7.68
N TRP A 280 23.15 -7.71 -8.54
CA TRP A 280 24.52 -7.47 -8.96
C TRP A 280 24.67 -6.11 -9.63
N CYS A 281 23.64 -5.66 -10.35
CA CYS A 281 23.75 -4.44 -11.14
C CYS A 281 24.04 -3.23 -10.25
N VAL A 282 23.09 -2.88 -9.39
CA VAL A 282 23.12 -1.58 -8.72
C VAL A 282 24.14 -1.58 -7.60
N PRO A 283 25.13 -0.67 -7.61
CA PRO A 283 26.04 -0.54 -6.47
C PRO A 283 25.53 0.44 -5.42
N GLU A 284 26.30 0.66 -4.37
CA GLU A 284 25.89 1.57 -3.31
C GLU A 284 25.80 2.99 -3.82
N SER A 285 24.91 3.77 -3.21
CA SER A 285 24.76 5.17 -3.60
C SER A 285 26.03 5.94 -3.30
N PRO A 286 26.58 6.70 -4.25
CA PRO A 286 27.84 7.41 -3.95
C PRO A 286 27.73 8.36 -2.77
N ARG A 287 26.58 9.02 -2.60
CA ARG A 287 26.46 10.02 -1.55
C ARG A 287 26.60 9.39 -0.16
N TRP A 288 25.96 8.25 0.06
CA TRP A 288 26.07 7.60 1.36
C TRP A 288 27.51 7.22 1.66
N LEU A 289 28.21 6.64 0.68
CA LEU A 289 29.60 6.27 0.88
C LEU A 289 30.45 7.49 1.19
N LEU A 290 30.25 8.58 0.42
CA LEU A 290 31.05 9.78 0.64
C LEU A 290 30.81 10.34 2.04
N SER A 291 29.56 10.35 2.48
CA SER A 291 29.26 10.84 3.84
C SER A 291 29.88 9.94 4.90
N GLN A 292 29.94 8.64 4.65
CA GLN A 292 30.51 7.70 5.61
C GLN A 292 32.03 7.72 5.62
N LYS A 293 32.66 8.50 4.75
CA LYS A 293 34.11 8.57 4.65
C LYS A 293 34.69 7.24 4.18
N ARG A 294 34.21 6.79 3.03
CA ARG A 294 34.77 5.65 2.29
C ARG A 294 35.08 6.08 0.87
N ASN A 295 35.80 7.21 0.75
CA ASN A 295 35.98 7.87 -0.53
C ASN A 295 36.56 6.95 -1.60
N THR A 296 37.37 5.97 -1.20
CA THR A 296 37.98 5.10 -2.20
C THR A 296 36.93 4.34 -3.00
N GLN A 297 35.95 3.74 -2.31
CA GLN A 297 34.88 3.06 -3.02
C GLN A 297 34.00 4.02 -3.79
N ALA A 298 33.80 5.23 -3.27
CA ALA A 298 33.01 6.22 -3.99
C ALA A 298 33.65 6.56 -5.33
N ILE A 299 34.97 6.80 -5.33
CA ILE A 299 35.65 7.14 -6.58
C ILE A 299 35.67 5.93 -7.51
N LYS A 300 35.84 4.73 -6.95
CA LYS A 300 35.80 3.54 -7.79
C LYS A 300 34.46 3.41 -8.49
N ILE A 301 33.36 3.65 -7.76
CA ILE A 301 32.04 3.60 -8.38
C ILE A 301 31.90 4.69 -9.42
N MET A 302 32.33 5.91 -9.10
CA MET A 302 32.21 7.01 -10.05
C MET A 302 32.96 6.71 -11.34
N ASP A 303 34.07 5.99 -11.25
CA ASP A 303 34.76 5.57 -12.47
C ASP A 303 33.87 4.65 -13.30
N HIS A 304 33.12 3.76 -12.64
CA HIS A 304 32.28 2.82 -13.38
C HIS A 304 31.13 3.51 -14.08
N ILE A 305 30.45 4.42 -13.39
CA ILE A 305 29.30 5.10 -14.01
C ILE A 305 29.75 5.89 -15.23
N ALA A 306 30.89 6.56 -15.13
CA ALA A 306 31.43 7.25 -16.31
C ALA A 306 31.72 6.26 -17.42
N GLN A 307 32.29 5.11 -17.08
CA GLN A 307 32.55 4.08 -18.09
C GLN A 307 31.26 3.65 -18.77
N LYS A 308 30.25 3.26 -17.97
CA LYS A 308 28.99 2.83 -18.55
C LYS A 308 28.32 3.97 -19.31
N ASN A 309 28.39 5.18 -18.77
CA ASN A 309 27.90 6.34 -19.51
C ASN A 309 28.64 6.52 -20.82
N GLY A 310 29.91 6.13 -20.87
CA GLY A 310 30.74 6.32 -22.03
C GLY A 310 31.39 7.68 -22.12
N LYS A 311 31.12 8.58 -21.18
CA LYS A 311 31.69 9.91 -21.15
C LYS A 311 32.92 9.91 -20.24
N LEU A 312 33.98 10.56 -20.70
CA LEU A 312 35.25 10.49 -19.98
C LEU A 312 35.10 11.06 -18.58
N PRO A 313 35.59 10.38 -17.53
CA PRO A 313 35.46 10.93 -16.19
C PRO A 313 36.37 12.13 -16.00
N PRO A 314 36.02 13.04 -15.08
CA PRO A 314 36.88 14.20 -14.84
C PRO A 314 38.13 13.82 -14.06
N ALA A 315 39.22 14.53 -14.34
CA ALA A 315 40.48 14.27 -13.66
C ALA A 315 40.48 14.71 -12.20
N ASP A 316 39.46 15.47 -11.79
CA ASP A 316 39.41 16.00 -10.43
C ASP A 316 38.88 15.02 -9.41
N LEU A 317 38.50 13.80 -9.82
CA LEU A 317 37.93 12.85 -8.87
C LEU A 317 38.91 12.47 -7.77
N LYS A 318 40.21 12.62 -8.01
CA LYS A 318 41.20 12.19 -7.02
C LYS A 318 41.01 12.91 -5.69
N MET A 319 40.46 14.13 -5.72
CA MET A 319 40.23 14.92 -4.52
C MET A 319 38.75 15.00 -4.17
N LEU A 320 37.97 14.00 -4.58
CA LEU A 320 36.54 14.01 -4.30
C LEU A 320 36.29 13.93 -2.80
N SER A 321 35.38 14.74 -2.31
CA SER A 321 35.02 14.77 -0.90
C SER A 321 33.82 15.70 -0.74
N LEU A 322 33.34 15.83 0.49
CA LEU A 322 32.26 16.77 0.78
C LEU A 322 32.78 18.20 0.68
N LYS A 323 31.83 19.14 0.57
CA LYS A 323 32.19 20.54 0.39
C LYS A 323 33.15 21.00 1.49
N GLU A 324 32.81 20.69 2.74
CA GLU A 324 33.63 21.05 3.89
C GLU A 324 34.15 19.79 4.57
N ASP A 325 35.33 19.89 5.17
CA ASP A 325 35.92 18.76 5.86
C ASP A 325 35.01 18.32 7.00
N SER A 326 34.37 17.16 6.83
CA SER A 326 33.43 16.66 7.82
C SER A 326 34.17 15.97 8.96
N THR A 327 33.41 15.53 9.95
CA THR A 327 33.98 14.78 11.06
C THR A 327 34.24 13.34 10.64
N GLU A 328 35.06 12.65 11.42
CA GLU A 328 35.40 11.27 11.11
C GLU A 328 34.14 10.41 11.09
N LYS A 329 33.27 10.57 12.09
CA LYS A 329 32.07 9.78 12.22
C LYS A 329 30.84 10.62 11.91
N LEU A 330 29.87 10.03 11.21
CA LEU A 330 28.61 10.68 10.89
C LEU A 330 27.46 9.72 11.11
N SER A 331 27.47 9.03 12.24
CA SER A 331 26.50 7.96 12.47
C SER A 331 25.08 8.53 12.54
N PRO A 332 24.11 7.85 11.95
CA PRO A 332 22.71 8.29 12.10
C PRO A 332 22.11 7.81 13.40
N SER A 333 21.29 8.65 14.01
CA SER A 333 20.61 8.29 15.24
C SER A 333 19.28 9.02 15.32
N PHE A 334 18.33 8.43 16.05
CA PHE A 334 17.05 9.10 16.28
C PHE A 334 17.25 10.43 16.98
N ALA A 335 18.27 10.53 17.83
CA ALA A 335 18.47 11.77 18.58
C ALA A 335 18.71 12.94 17.65
N ASP A 336 19.48 12.74 16.58
CA ASP A 336 19.83 13.81 15.67
C ASP A 336 18.64 14.33 14.87
N LEU A 337 17.51 13.62 14.90
CA LEU A 337 16.37 14.00 14.09
C LEU A 337 15.54 15.13 14.71
N PHE A 338 15.70 15.40 16.00
CA PHE A 338 14.91 16.38 16.71
C PHE A 338 15.75 17.44 17.41
N ARG A 339 16.95 17.70 16.90
CA ARG A 339 17.83 18.69 17.52
C ARG A 339 17.68 20.07 16.90
N THR A 340 17.76 20.15 15.58
CA THR A 340 17.65 21.44 14.89
C THR A 340 16.20 21.90 14.88
N PRO A 341 15.90 23.11 15.35
CA PRO A 341 14.49 23.55 15.35
C PRO A 341 13.84 23.50 13.97
N GLN A 342 14.57 23.88 12.92
CA GLN A 342 14.02 23.81 11.58
C GLN A 342 13.71 22.38 11.19
N LEU A 343 14.63 21.47 11.47
CA LEU A 343 14.38 20.06 11.15
C LEU A 343 13.21 19.51 11.95
N ARG A 344 13.11 19.90 13.22
CA ARG A 344 11.99 19.45 14.04
C ARG A 344 10.66 19.93 13.47
N LYS A 345 10.60 21.21 13.08
CA LYS A 345 9.37 21.75 12.52
C LYS A 345 9.02 21.02 11.23
N HIS A 346 10.00 20.79 10.36
CA HIS A 346 9.73 20.08 9.12
C HIS A 346 9.23 18.67 9.40
N THR A 347 9.83 17.99 10.37
CA THR A 347 9.40 16.63 10.69
C THR A 347 7.97 16.62 11.20
N PHE A 348 7.61 17.57 12.08
CA PHE A 348 6.24 17.61 12.57
C PHE A 348 5.26 17.87 11.44
N ILE A 349 5.57 18.83 10.57
CA ILE A 349 4.67 19.13 9.47
C ILE A 349 4.49 17.91 8.58
N LEU A 350 5.60 17.23 8.25
CA LEU A 350 5.51 16.07 7.37
C LEU A 350 4.73 14.93 8.01
N MET A 351 4.92 14.71 9.31
CA MET A 351 4.16 13.68 10.00
C MET A 351 2.67 13.99 9.94
N TYR A 352 2.29 15.24 10.20
CA TYR A 352 0.89 15.60 10.15
C TYR A 352 0.33 15.44 8.74
N LEU A 353 1.13 15.81 7.72
CA LEU A 353 0.67 15.63 6.34
C LEU A 353 0.43 14.17 6.01
N TRP A 354 1.34 13.30 6.46
CA TRP A 354 1.15 11.87 6.24
C TRP A 354 -0.14 11.39 6.90
N PHE A 355 -0.35 11.78 8.15
CA PHE A 355 -1.54 11.35 8.86
C PHE A 355 -2.80 11.83 8.16
N THR A 356 -2.81 13.09 7.74
CA THR A 356 -3.98 13.64 7.06
C THR A 356 -4.23 12.93 5.74
N SER A 357 -3.17 12.64 4.99
CA SER A 357 -3.34 11.94 3.72
C SER A 357 -3.98 10.58 3.96
N SER A 358 -3.46 9.82 4.92
CA SER A 358 -4.01 8.50 5.19
C SER A 358 -5.48 8.58 5.62
N VAL A 359 -5.78 9.51 6.55
CA VAL A 359 -7.14 9.61 7.06
C VAL A 359 -8.09 10.00 5.95
N LEU A 360 -7.71 10.99 5.13
CA LEU A 360 -8.58 11.44 4.05
C LEU A 360 -8.79 10.33 3.03
N TYR A 361 -7.73 9.59 2.70
CA TYR A 361 -7.88 8.48 1.77
C TYR A 361 -8.85 7.44 2.30
N GLN A 362 -8.69 7.06 3.57
CA GLN A 362 -9.56 6.04 4.13
C GLN A 362 -11.00 6.52 4.18
N GLY A 363 -11.21 7.79 4.54
CA GLY A 363 -12.56 8.32 4.56
C GLY A 363 -13.19 8.35 3.18
N LEU A 364 -12.41 8.75 2.17
CA LEU A 364 -12.94 8.81 0.82
C LEU A 364 -13.31 7.43 0.31
N ILE A 365 -12.46 6.43 0.57
CA ILE A 365 -12.77 5.08 0.11
C ILE A 365 -13.97 4.52 0.87
N MET A 366 -14.07 4.83 2.17
CA MET A 366 -15.20 4.35 2.96
C MET A 366 -16.51 4.94 2.45
N HIS A 367 -16.52 6.24 2.14
CA HIS A 367 -17.75 6.89 1.71
C HIS A 367 -18.06 6.67 0.24
N MET A 368 -17.39 5.72 -0.41
CA MET A 368 -17.69 5.42 -1.80
C MET A 368 -19.10 4.85 -1.93
N GLY A 369 -19.51 4.64 -3.18
CA GLY A 369 -20.80 4.04 -3.46
C GLY A 369 -20.77 2.53 -3.33
N ALA A 370 -21.91 1.92 -3.64
CA ALA A 370 -22.02 0.47 -3.55
C ALA A 370 -21.01 -0.20 -4.48
N THR A 371 -20.40 -1.28 -3.98
CA THR A 371 -19.40 -2.00 -4.76
C THR A 371 -20.03 -2.68 -5.96
N GLY A 372 -19.26 -2.77 -7.04
CA GLY A 372 -19.73 -3.41 -8.24
C GLY A 372 -19.80 -4.93 -8.10
N GLY A 373 -20.45 -5.55 -9.07
CA GLY A 373 -20.59 -7.00 -9.05
C GLY A 373 -19.26 -7.70 -9.09
N ASN A 374 -18.38 -7.28 -10.00
CA ASN A 374 -17.06 -7.88 -10.15
C ASN A 374 -16.06 -7.07 -9.34
N LEU A 375 -15.42 -7.72 -8.35
CA LEU A 375 -14.39 -7.06 -7.57
C LEU A 375 -13.17 -6.74 -8.42
N TYR A 376 -12.78 -7.65 -9.30
CA TYR A 376 -11.56 -7.46 -10.07
C TYR A 376 -11.65 -6.23 -10.97
N LEU A 377 -12.79 -6.05 -11.64
CA LEU A 377 -12.95 -4.88 -12.50
C LEU A 377 -12.89 -3.59 -11.69
N ASP A 378 -13.53 -3.59 -10.52
CA ASP A 378 -13.50 -2.40 -9.68
C ASP A 378 -12.07 -2.07 -9.25
N PHE A 379 -11.30 -3.09 -8.85
CA PHE A 379 -9.92 -2.89 -8.46
C PHE A 379 -9.09 -2.37 -9.63
N PHE A 380 -9.33 -2.92 -10.82
CA PHE A 380 -8.59 -2.46 -12.01
C PHE A 380 -8.90 -1.01 -12.32
N TYR A 381 -10.17 -0.60 -12.21
CA TYR A 381 -10.52 0.79 -12.43
C TYR A 381 -9.89 1.69 -11.37
N SER A 382 -9.88 1.23 -10.11
CA SER A 382 -9.27 2.02 -9.06
C SER A 382 -7.78 2.24 -9.32
N ALA A 383 -7.08 1.20 -9.75
CA ALA A 383 -5.68 1.35 -10.08
C ALA A 383 -5.50 2.26 -11.29
N LEU A 384 -6.37 2.14 -12.29
CA LEU A 384 -6.24 2.92 -13.51
C LEU A 384 -6.41 4.41 -13.24
N VAL A 385 -7.27 4.77 -12.29
CA VAL A 385 -7.48 6.20 -11.99
C VAL A 385 -6.19 6.88 -11.55
N GLU A 386 -5.18 6.13 -11.11
CA GLU A 386 -3.95 6.75 -10.62
C GLU A 386 -3.06 7.26 -11.75
N PHE A 387 -3.12 6.66 -12.93
CA PHE A 387 -2.23 7.08 -14.02
C PHE A 387 -2.42 8.55 -14.38
N PRO A 388 -3.64 9.07 -14.52
CA PRO A 388 -3.78 10.51 -14.75
C PRO A 388 -3.11 11.36 -13.70
N ALA A 389 -3.09 10.92 -12.44
CA ALA A 389 -2.38 11.66 -11.41
C ALA A 389 -0.90 11.76 -11.72
N ALA A 390 -0.28 10.65 -12.13
CA ALA A 390 1.13 10.69 -12.49
C ALA A 390 1.36 11.58 -13.70
N PHE A 391 0.44 11.53 -14.67
CA PHE A 391 0.59 12.41 -15.83
C PHE A 391 0.55 13.87 -15.42
N ILE A 392 -0.38 14.23 -14.53
CA ILE A 392 -0.52 15.63 -14.11
C ILE A 392 0.70 16.08 -13.33
N ILE A 393 1.12 15.28 -12.35
CA ILE A 393 2.20 15.69 -11.46
C ILE A 393 3.50 15.85 -12.23
N LEU A 394 3.73 14.99 -13.22
CA LEU A 394 4.99 15.00 -13.94
C LEU A 394 5.18 16.29 -14.73
N VAL A 395 4.09 16.96 -15.11
CA VAL A 395 4.18 18.15 -15.96
C VAL A 395 4.25 19.46 -15.19
N THR A 396 3.96 19.44 -13.88
CA THR A 396 3.87 20.69 -13.12
C THR A 396 4.96 20.87 -12.08
N ILE A 397 5.65 19.81 -11.66
CA ILE A 397 6.55 19.94 -10.52
C ILE A 397 7.65 20.95 -10.81
N ASP A 398 8.33 20.81 -11.95
CA ASP A 398 9.44 21.69 -12.26
C ASP A 398 9.02 23.02 -12.88
N ARG A 399 7.73 23.20 -13.16
CA ARG A 399 7.25 24.45 -13.73
C ARG A 399 6.54 25.35 -12.73
N VAL A 400 6.04 24.80 -11.62
CA VAL A 400 5.30 25.59 -10.65
C VAL A 400 5.81 25.32 -9.24
N GLY A 401 6.70 24.35 -9.09
CA GLY A 401 7.23 24.01 -7.78
C GLY A 401 6.63 22.74 -7.23
N ARG A 402 6.93 22.49 -5.96
CA ARG A 402 6.49 21.30 -5.26
C ARG A 402 5.64 21.57 -4.03
N ILE A 403 5.38 22.83 -3.71
CA ILE A 403 4.61 23.19 -2.52
C ILE A 403 3.18 23.55 -2.88
N TYR A 404 3.00 24.48 -3.82
CA TYR A 404 1.66 24.87 -4.23
C TYR A 404 0.87 23.70 -4.81
N PRO A 405 1.41 22.85 -5.66
CA PRO A 405 0.64 21.68 -6.11
C PRO A 405 0.17 20.80 -4.97
N LEU A 406 1.03 20.54 -3.99
CA LEU A 406 0.62 19.67 -2.87
C LEU A 406 -0.46 20.33 -2.04
N ALA A 407 -0.31 21.62 -1.73
CA ALA A 407 -1.33 22.30 -0.95
C ALA A 407 -2.67 22.30 -1.67
N VAL A 408 -2.66 22.61 -2.96
CA VAL A 408 -3.91 22.65 -3.72
C VAL A 408 -4.51 21.26 -3.85
N SER A 409 -3.69 20.22 -3.97
CA SER A 409 -4.24 18.88 -4.05
C SER A 409 -4.90 18.47 -2.75
N ASN A 410 -4.28 18.78 -1.62
CA ASN A 410 -4.90 18.46 -0.33
C ASN A 410 -6.22 19.21 -0.17
N LEU A 411 -6.23 20.50 -0.50
CA LEU A 411 -7.46 21.28 -0.40
C LEU A 411 -8.51 20.76 -1.37
N VAL A 412 -8.08 20.26 -2.54
CA VAL A 412 -9.04 19.74 -3.52
C VAL A 412 -9.70 18.48 -3.00
N ALA A 413 -8.91 17.58 -2.40
CA ALA A 413 -9.51 16.39 -1.80
C ALA A 413 -10.48 16.78 -0.68
N GLY A 414 -10.10 17.75 0.15
CA GLY A 414 -11.03 18.23 1.17
C GLY A 414 -12.32 18.76 0.58
N ALA A 415 -12.22 19.58 -0.47
CA ALA A 415 -13.43 20.12 -1.08
C ALA A 415 -14.25 19.02 -1.74
N ALA A 416 -13.59 17.99 -2.29
CA ALA A 416 -14.33 16.86 -2.84
C ALA A 416 -15.14 16.15 -1.76
N CYS A 417 -14.54 15.93 -0.60
CA CYS A 417 -15.29 15.36 0.51
C CYS A 417 -16.44 16.27 0.90
N LEU A 418 -16.20 17.58 0.92
CA LEU A 418 -17.23 18.53 1.33
C LEU A 418 -18.41 18.49 0.37
N ILE A 419 -18.14 18.47 -0.94
CA ILE A 419 -19.22 18.43 -1.92
C ILE A 419 -19.94 17.09 -1.84
N MET A 420 -19.21 16.01 -1.57
CA MET A 420 -19.89 14.74 -1.34
C MET A 420 -20.86 14.85 -0.18
N ILE A 421 -20.47 15.56 0.88
CA ILE A 421 -21.31 15.68 2.06
C ILE A 421 -22.52 16.56 1.78
N PHE A 422 -22.28 17.82 1.46
CA PHE A 422 -23.38 18.79 1.38
C PHE A 422 -24.29 18.50 0.21
N ILE A 423 -23.76 18.58 -1.02
CA ILE A 423 -24.59 18.36 -2.19
C ILE A 423 -25.16 16.94 -2.17
N SER A 424 -26.29 16.76 -2.83
CA SER A 424 -26.98 15.49 -2.85
C SER A 424 -26.02 14.34 -3.13
N GLN A 425 -25.96 13.39 -2.21
CA GLN A 425 -25.13 12.20 -2.34
C GLN A 425 -25.89 11.02 -2.91
N ASP A 426 -27.14 11.20 -3.31
CA ASP A 426 -27.93 10.11 -3.85
C ASP A 426 -27.31 9.61 -5.16
N LEU A 427 -27.61 8.36 -5.50
CA LEU A 427 -27.02 7.72 -6.67
C LEU A 427 -27.23 8.56 -7.92
N HIS A 428 -26.15 9.09 -8.47
CA HIS A 428 -26.19 9.86 -9.70
C HIS A 428 -24.86 9.71 -10.41
N TRP A 429 -24.86 10.00 -11.72
CA TRP A 429 -23.63 9.91 -12.50
C TRP A 429 -22.58 10.89 -12.02
N LEU A 430 -23.01 12.02 -11.43
CA LEU A 430 -22.06 13.03 -10.98
C LEU A 430 -21.21 12.49 -9.83
N ASN A 431 -21.81 11.69 -8.94
CA ASN A 431 -21.12 11.29 -7.73
C ASN A 431 -19.90 10.43 -8.05
N ILE A 432 -20.00 9.53 -9.01
CA ILE A 432 -18.87 8.67 -9.35
C ILE A 432 -17.71 9.50 -9.88
N THR A 433 -18.01 10.45 -10.77
CA THR A 433 -16.96 11.31 -11.30
C THR A 433 -16.34 12.15 -10.20
N VAL A 434 -17.16 12.65 -9.27
CA VAL A 434 -16.62 13.43 -8.15
C VAL A 434 -15.70 12.55 -7.31
N ALA A 435 -16.09 11.29 -7.10
CA ALA A 435 -15.24 10.38 -6.36
C ALA A 435 -13.91 10.13 -7.08
N CYS A 436 -13.96 10.01 -8.40
CA CYS A 436 -12.74 9.83 -9.17
C CYS A 436 -11.82 11.04 -9.04
N VAL A 437 -12.39 12.24 -9.10
CA VAL A 437 -11.60 13.45 -8.92
C VAL A 437 -10.96 13.47 -7.54
N GLY A 438 -11.74 13.10 -6.52
CA GLY A 438 -11.20 13.05 -5.17
C GLY A 438 -10.06 12.05 -5.06
N ARG A 439 -10.21 10.89 -5.70
CA ARG A 439 -9.15 9.88 -5.66
C ARG A 439 -7.89 10.40 -6.33
N MET A 440 -8.04 11.09 -7.46
CA MET A 440 -6.88 11.66 -8.14
C MET A 440 -6.18 12.66 -7.23
N GLY A 441 -6.95 13.52 -6.56
CA GLY A 441 -6.36 14.46 -5.62
C GLY A 441 -5.61 13.76 -4.50
N ILE A 442 -6.19 12.70 -3.95
CA ILE A 442 -5.56 11.99 -2.85
C ILE A 442 -4.25 11.36 -3.30
N THR A 443 -4.24 10.72 -4.47
CA THR A 443 -3.00 10.08 -4.92
C THR A 443 -1.93 11.12 -5.24
N ILE A 444 -2.33 12.28 -5.79
CA ILE A 444 -1.37 13.35 -5.99
C ILE A 444 -0.77 13.78 -4.65
N VAL A 445 -1.61 13.89 -3.62
CA VAL A 445 -1.10 14.23 -2.29
C VAL A 445 -0.09 13.20 -1.83
N PHE A 446 -0.43 11.92 -1.95
CA PHE A 446 0.48 10.87 -1.48
C PHE A 446 1.83 10.99 -2.17
N GLN A 447 1.84 11.05 -3.51
CA GLN A 447 3.11 11.05 -4.23
C GLN A 447 3.91 12.31 -3.95
N MET A 448 3.26 13.48 -3.93
CA MET A 448 3.99 14.71 -3.65
C MET A 448 4.59 14.70 -2.25
N VAL A 449 3.84 14.19 -1.28
CA VAL A 449 4.37 14.10 0.08
C VAL A 449 5.59 13.20 0.11
N CYS A 450 5.51 12.04 -0.54
CA CYS A 450 6.67 11.15 -0.58
C CYS A 450 7.88 11.88 -1.15
N LEU A 451 7.70 12.53 -2.30
CA LEU A 451 8.84 13.16 -2.96
C LEU A 451 9.44 14.27 -2.11
N VAL A 452 8.58 15.16 -1.58
CA VAL A 452 9.11 16.29 -0.83
C VAL A 452 9.77 15.83 0.45
N ASN A 453 9.17 14.84 1.14
CA ASN A 453 9.77 14.34 2.36
C ASN A 453 11.12 13.70 2.08
N ALA A 454 11.24 12.94 1.00
CA ALA A 454 12.55 12.37 0.66
C ALA A 454 13.55 13.47 0.36
N GLU A 455 13.13 14.49 -0.39
CA GLU A 455 14.06 15.54 -0.81
C GLU A 455 14.43 16.49 0.32
N LEU A 456 13.69 16.48 1.44
CA LEU A 456 13.93 17.49 2.47
C LEU A 456 15.03 17.06 3.45
N TYR A 457 15.09 15.79 3.83
CA TYR A 457 15.99 15.36 4.88
C TYR A 457 17.42 15.19 4.37
N PRO A 458 18.40 15.23 5.27
CA PRO A 458 19.79 15.02 4.86
C PRO A 458 20.01 13.62 4.30
N THR A 459 21.12 13.46 3.58
CA THR A 459 21.40 12.20 2.91
C THR A 459 21.66 11.08 3.91
N PHE A 460 22.32 11.39 5.03
CA PHE A 460 22.72 10.35 5.98
C PHE A 460 21.60 9.97 6.94
N ILE A 461 20.44 10.62 6.88
CA ILE A 461 19.32 10.27 7.73
C ILE A 461 18.03 10.25 6.92
N ARG A 462 18.16 10.37 5.59
CA ARG A 462 16.98 10.51 4.74
C ARG A 462 16.02 9.33 4.94
N ASN A 463 16.55 8.11 4.90
CA ASN A 463 15.67 6.95 4.99
C ASN A 463 14.95 6.89 6.33
N LEU A 464 15.67 7.18 7.42
CA LEU A 464 15.06 7.14 8.75
C LEU A 464 13.96 8.18 8.87
N GLY A 465 14.20 9.39 8.38
CA GLY A 465 13.19 10.43 8.49
C GLY A 465 11.92 10.09 7.73
N VAL A 466 12.07 9.63 6.49
CA VAL A 466 10.91 9.27 5.70
C VAL A 466 10.17 8.09 6.33
N MET A 467 10.92 7.14 6.90
CA MET A 467 10.29 6.02 7.59
C MET A 467 9.44 6.51 8.76
N VAL A 468 10.02 7.35 9.62
CA VAL A 468 9.31 7.79 10.81
C VAL A 468 8.09 8.61 10.42
N CYS A 469 8.23 9.47 9.41
CA CYS A 469 7.08 10.26 8.98
C CYS A 469 6.02 9.40 8.30
N SER A 470 6.41 8.30 7.66
CA SER A 470 5.44 7.43 7.03
C SER A 470 4.68 6.60 8.04
N SER A 471 5.31 6.28 9.17
CA SER A 471 4.63 5.44 10.16
C SER A 471 3.27 6.02 10.57
N LEU A 472 3.15 7.35 10.57
CA LEU A 472 1.87 7.95 10.92
C LEU A 472 0.79 7.62 9.90
N CYS A 473 1.15 7.42 8.65
CA CYS A 473 0.16 7.00 7.66
C CYS A 473 -0.46 5.67 8.05
N ASP A 474 0.36 4.71 8.45
CA ASP A 474 -0.15 3.42 8.89
C ASP A 474 -0.95 3.55 10.18
N LEU A 475 -0.50 4.39 11.10
CA LEU A 475 -1.26 4.59 12.33
C LEU A 475 -2.64 5.15 12.03
N GLY A 476 -2.73 6.14 11.14
CA GLY A 476 -4.02 6.68 10.76
C GLY A 476 -4.89 5.66 10.05
N GLY A 477 -4.28 4.88 9.16
CA GLY A 477 -5.03 3.82 8.50
C GLY A 477 -5.62 2.83 9.48
N ILE A 478 -4.88 2.51 10.54
CA ILE A 478 -5.39 1.59 11.55
C ILE A 478 -6.52 2.24 12.33
N ILE A 479 -6.34 3.50 12.73
CA ILE A 479 -7.26 4.08 13.72
C ILE A 479 -8.54 4.62 13.08
N THR A 480 -8.49 5.07 11.83
CA THR A 480 -9.63 5.80 11.27
C THR A 480 -10.94 5.03 11.27
N PRO A 481 -10.99 3.72 10.98
CA PRO A 481 -12.31 3.06 10.94
C PRO A 481 -13.07 3.17 12.25
N PHE A 482 -12.39 3.00 13.38
CA PHE A 482 -13.04 3.11 14.67
C PHE A 482 -13.54 4.53 14.90
N LEU A 483 -12.74 5.53 14.49
CA LEU A 483 -13.15 6.91 14.66
C LEU A 483 -14.42 7.20 13.87
N VAL A 484 -14.47 6.77 12.60
CA VAL A 484 -15.65 7.07 11.79
C VAL A 484 -16.87 6.34 12.34
N PHE A 485 -16.69 5.09 12.81
CA PHE A 485 -17.83 4.38 13.38
C PHE A 485 -18.34 5.09 14.63
N ARG A 486 -17.44 5.53 15.51
CA ARG A 486 -17.87 6.17 16.75
C ARG A 486 -18.56 7.51 16.47
N LEU A 487 -17.97 8.33 15.60
CA LEU A 487 -18.53 9.66 15.37
C LEU A 487 -19.91 9.58 14.73
N MET A 488 -20.17 8.58 13.88
CA MET A 488 -21.46 8.48 13.23
C MET A 488 -22.59 8.44 14.25
N GLU A 489 -22.36 7.85 15.42
CA GLU A 489 -23.39 7.81 16.44
C GLU A 489 -23.77 9.21 16.91
N VAL A 490 -22.79 10.10 17.05
CA VAL A 490 -23.07 11.44 17.54
C VAL A 490 -24.00 12.18 16.60
N TRP A 491 -23.72 12.11 15.30
CA TRP A 491 -24.52 12.83 14.32
C TRP A 491 -24.41 12.13 12.98
N GLN A 492 -25.36 12.44 12.09
CA GLN A 492 -25.44 11.74 10.80
C GLN A 492 -24.22 12.04 9.93
N GLY A 493 -23.88 13.32 9.78
CA GLY A 493 -22.83 13.71 8.86
C GLY A 493 -21.56 14.24 9.53
N LEU A 494 -21.37 13.89 10.80
CA LEU A 494 -20.20 14.39 11.51
C LEU A 494 -18.89 14.00 10.84
N PRO A 495 -18.69 12.77 10.38
CA PRO A 495 -17.36 12.41 9.84
C PRO A 495 -16.92 13.27 8.66
N LEU A 496 -17.84 13.67 7.79
CA LEU A 496 -17.42 14.43 6.62
C LEU A 496 -16.99 15.84 6.98
N ILE A 497 -17.61 16.45 7.98
CA ILE A 497 -17.15 17.75 8.46
C ILE A 497 -15.73 17.64 8.98
N LEU A 498 -15.45 16.57 9.73
CA LEU A 498 -14.09 16.35 10.23
C LEU A 498 -13.11 16.15 9.07
N PHE A 499 -13.51 15.40 8.05
CA PHE A 499 -12.64 15.22 6.89
C PHE A 499 -12.32 16.56 6.24
N THR A 500 -13.36 17.39 6.04
CA THR A 500 -13.14 18.67 5.38
C THR A 500 -12.23 19.56 6.20
N VAL A 501 -12.45 19.65 7.51
CA VAL A 501 -11.61 20.52 8.33
C VAL A 501 -10.17 20.00 8.36
N VAL A 502 -9.99 18.68 8.44
CA VAL A 502 -8.65 18.12 8.43
C VAL A 502 -7.95 18.44 7.12
N GLY A 503 -8.65 18.29 6.00
CA GLY A 503 -8.06 18.60 4.71
C GLY A 503 -7.68 20.07 4.60
N LEU A 504 -8.56 20.96 5.05
CA LEU A 504 -8.26 22.38 4.97
C LEU A 504 -7.05 22.73 5.82
N VAL A 505 -6.98 22.18 7.04
CA VAL A 505 -5.86 22.49 7.91
C VAL A 505 -4.57 21.94 7.34
N ALA A 506 -4.61 20.75 6.75
CA ALA A 506 -3.42 20.19 6.13
C ALA A 506 -2.95 21.04 4.95
N GLY A 507 -3.89 21.45 4.10
CA GLY A 507 -3.52 22.33 3.00
C GLY A 507 -2.92 23.62 3.47
N GLY A 508 -3.45 24.19 4.56
CA GLY A 508 -2.87 25.39 5.12
C GLY A 508 -1.48 25.17 5.65
N MET A 509 -1.26 24.06 6.36
CA MET A 509 0.04 23.82 6.97
C MET A 509 1.10 23.48 5.93
N THR A 510 0.71 22.93 4.78
CA THR A 510 1.71 22.61 3.76
C THR A 510 2.51 23.83 3.33
N LEU A 511 1.96 25.03 3.48
CA LEU A 511 2.63 26.23 2.97
C LEU A 511 3.92 26.51 3.73
N LEU A 512 3.96 26.22 5.03
CA LEU A 512 5.17 26.49 5.81
C LEU A 512 6.37 25.74 5.27
N LEU A 513 6.16 24.56 4.70
CA LEU A 513 7.27 23.72 4.27
C LEU A 513 8.06 24.43 3.18
N PRO A 514 9.39 24.39 3.21
CA PRO A 514 10.18 25.13 2.21
C PRO A 514 10.05 24.51 0.83
N GLU A 515 10.22 25.36 -0.18
CA GLU A 515 10.23 24.89 -1.56
C GLU A 515 11.55 24.21 -1.88
N THR A 516 11.51 23.27 -2.82
CA THR A 516 12.69 22.50 -3.21
C THR A 516 12.81 22.42 -4.73
N LYS A 517 12.40 23.46 -5.44
CA LYS A 517 12.48 23.47 -6.89
C LYS A 517 13.92 23.67 -7.32
N GLY A 518 14.52 22.63 -7.89
CA GLY A 518 15.85 22.73 -8.46
C GLY A 518 16.93 23.13 -7.48
N VAL A 519 16.97 22.50 -6.32
CA VAL A 519 18.01 22.74 -5.32
C VAL A 519 18.63 21.40 -4.96
N ALA A 520 19.96 21.35 -4.95
CA ALA A 520 20.66 20.12 -4.62
C ALA A 520 20.27 19.65 -3.22
N LEU A 521 19.92 18.37 -3.11
CA LEU A 521 19.46 17.85 -1.83
C LEU A 521 20.58 17.93 -0.80
N PRO A 522 20.27 18.20 0.46
CA PRO A 522 21.33 18.45 1.45
C PRO A 522 22.07 17.19 1.82
N GLU A 523 23.28 17.39 2.35
CA GLU A 523 24.10 16.29 2.84
C GLU A 523 24.57 16.48 4.28
N THR A 524 24.30 17.64 4.88
CA THR A 524 24.69 17.92 6.26
C THR A 524 23.52 18.54 7.00
N ILE A 525 23.32 18.12 8.26
CA ILE A 525 22.19 18.62 9.03
C ILE A 525 22.28 20.14 9.17
N GLU A 526 23.47 20.66 9.46
CA GLU A 526 23.64 22.11 9.54
C GLU A 526 23.27 22.76 8.21
N ASP A 527 23.61 22.10 7.09
CA ASP A 527 23.22 22.62 5.79
C ASP A 527 21.71 22.60 5.61
N ALA A 528 21.04 21.54 6.08
CA ALA A 528 19.60 21.45 5.91
C ALA A 528 18.85 22.45 6.78
N GLU A 529 19.46 22.89 7.88
CA GLU A 529 18.79 23.85 8.75
C GLU A 529 18.54 25.17 8.03
N ASN A 530 19.54 25.67 7.31
CA ASN A 530 19.43 26.94 6.59
C ASN A 530 19.00 26.76 5.15
N LEU A 531 18.22 25.72 4.86
CA LEU A 531 17.77 25.50 3.49
C LEU A 531 16.90 26.65 3.00
N GLY A 532 15.98 27.13 3.84
CA GLY A 532 15.11 28.23 3.43
C GLY A 532 15.86 29.52 3.22
N ARG A 533 16.80 29.83 4.11
CA ARG A 533 17.57 31.07 4.02
C ARG A 533 18.39 31.11 2.74
#